data_8UDS
#
_entry.id   8UDS
#
_cell.length_a   64.095
_cell.length_b   64.095
_cell.length_c   87.539
_cell.angle_alpha   90.00
_cell.angle_beta   90.00
_cell.angle_gamma   90.00
#
_symmetry.space_group_name_H-M   'P 43 21 2'
#
loop_
_entity.id
_entity.type
_entity.pdbx_description
1 polymer 'Carbon monoxide dehydrogenase subunit G (CoxG) family protein'
2 water water
#
_entity_poly.entity_id   1
_entity_poly.type   'polypeptide(L)'
_entity_poly.pdbx_seq_one_letter_code
;MKIANEFTVSVPIEDAWDLLTDLDQVVPLMPGARLTGHDGDDVLGAVKVKVGPVTSEFAGKVHFVEQDREHFRAVIDAKG
KETRGTGNAAATVTAQLHEAGTSTRVTVDTDLKVVGKLAQFGSGMLQQVSEKLLGQFVDSLEAKLAGEREKPSETTQGSL
EHHHHHH
;
_entity_poly.pdbx_strand_id   D
#
# COMPACT_ATOMS: atom_id res chain seq x y z
N MET A 1 8.43 11.59 5.11
CA MET A 1 8.94 11.61 3.74
C MET A 1 7.82 11.32 2.75
N LYS A 2 7.98 11.81 1.53
CA LYS A 2 6.98 11.69 0.48
C LYS A 2 7.44 10.67 -0.54
N ILE A 3 6.56 9.73 -0.84
CA ILE A 3 6.77 8.70 -1.85
C ILE A 3 5.66 8.86 -2.88
N ALA A 4 6.02 8.79 -4.16
CA ALA A 4 5.03 8.99 -5.22
C ALA A 4 5.13 7.84 -6.21
N ASN A 5 3.99 7.23 -6.51
CA ASN A 5 3.94 6.09 -7.40
C ASN A 5 2.78 6.24 -8.37
N GLU A 6 2.85 5.50 -9.47
CA GLU A 6 1.79 5.47 -10.46
C GLU A 6 1.78 4.11 -11.13
N PHE A 7 0.59 3.62 -11.43
CA PHE A 7 0.42 2.36 -12.13
C PHE A 7 -0.91 2.37 -12.85
N THR A 8 -1.07 1.40 -13.75
CA THR A 8 -2.32 1.21 -14.47
C THR A 8 -2.82 -0.21 -14.22
N VAL A 9 -4.14 -0.35 -14.14
CA VAL A 9 -4.77 -1.66 -13.98
C VAL A 9 -5.73 -1.87 -15.14
N SER A 10 -5.84 -3.13 -15.56
CA SER A 10 -6.52 -3.47 -16.81
C SER A 10 -8.03 -3.59 -16.68
N VAL A 11 -8.64 -2.79 -15.81
CA VAL A 11 -10.10 -2.77 -15.67
C VAL A 11 -10.56 -1.32 -15.67
N PRO A 12 -11.81 -1.07 -16.05
CA PRO A 12 -12.30 0.31 -16.10
C PRO A 12 -12.44 0.89 -14.69
N ILE A 13 -12.62 2.22 -14.66
CA ILE A 13 -12.42 2.97 -13.43
C ILE A 13 -13.44 2.59 -12.35
N GLU A 14 -14.65 2.21 -12.76
CA GLU A 14 -15.65 1.76 -11.80
C GLU A 14 -15.20 0.47 -11.13
N ASP A 15 -14.69 -0.47 -11.93
CA ASP A 15 -14.17 -1.73 -11.40
C ASP A 15 -12.94 -1.49 -10.54
N ALA A 16 -12.03 -0.64 -11.01
CA ALA A 16 -10.82 -0.35 -10.23
C ALA A 16 -11.18 0.23 -8.86
N TRP A 17 -12.20 1.09 -8.82
CA TRP A 17 -12.62 1.69 -7.56
C TRP A 17 -13.13 0.64 -6.58
N ASP A 18 -13.94 -0.31 -7.07
CA ASP A 18 -14.44 -1.37 -6.20
C ASP A 18 -13.30 -2.21 -5.65
N LEU A 19 -12.31 -2.50 -6.48
CA LEU A 19 -11.18 -3.31 -6.03
C LEU A 19 -10.32 -2.55 -5.02
N LEU A 20 -10.02 -1.27 -5.30
CA LEU A 20 -9.09 -0.53 -4.46
C LEU A 20 -9.73 0.02 -3.18
N THR A 21 -11.06 0.08 -3.09
CA THR A 21 -11.77 0.41 -1.86
C THR A 21 -12.05 -0.82 -1.01
N ASP A 22 -11.47 -1.96 -1.36
CA ASP A 22 -11.67 -3.23 -0.64
C ASP A 22 -10.35 -3.71 -0.08
N LEU A 23 -10.08 -3.38 1.18
CA LEU A 23 -8.75 -3.70 1.78
C LEU A 23 -8.56 -5.21 1.92
N ASP A 24 -9.64 -5.96 2.01
CA ASP A 24 -9.55 -7.44 2.05
C ASP A 24 -8.99 -7.96 0.74
N GLN A 25 -9.18 -7.22 -0.35
CA GLN A 25 -8.58 -7.60 -1.62
C GLN A 25 -7.18 -7.04 -1.80
N VAL A 26 -6.95 -5.80 -1.36
CA VAL A 26 -5.68 -5.12 -1.64
C VAL A 26 -4.56 -5.68 -0.77
N VAL A 27 -4.79 -5.75 0.53
CA VAL A 27 -3.68 -6.15 1.46
C VAL A 27 -3.02 -7.47 1.04
N PRO A 28 -3.76 -8.57 0.76
CA PRO A 28 -3.06 -9.83 0.41
C PRO A 28 -2.23 -9.74 -0.86
N LEU A 29 -2.52 -8.78 -1.74
CA LEU A 29 -1.73 -8.65 -2.97
C LEU A 29 -0.44 -7.90 -2.76
N MET A 30 -0.27 -7.22 -1.63
N MET A 30 -0.28 -7.21 -1.64
CA MET A 30 0.93 -6.45 -1.38
CA MET A 30 0.94 -6.46 -1.42
C MET A 30 2.08 -7.39 -1.00
C MET A 30 2.07 -7.41 -1.02
N PRO A 31 3.26 -7.23 -1.59
CA PRO A 31 4.38 -8.12 -1.27
C PRO A 31 4.75 -8.06 0.20
N GLY A 32 4.93 -9.23 0.80
CA GLY A 32 5.29 -9.31 2.20
C GLY A 32 4.16 -9.05 3.17
N ALA A 33 2.96 -8.75 2.67
CA ALA A 33 1.86 -8.39 3.55
C ALA A 33 0.90 -9.56 3.71
N ARG A 34 0.23 -9.54 4.86
CA ARG A 34 -0.79 -10.57 5.15
C ARG A 34 -1.94 -9.93 5.94
N LEU A 35 -3.16 -10.35 5.66
CA LEU A 35 -4.32 -9.87 6.45
C LEU A 35 -4.44 -10.79 7.67
N THR A 36 -4.54 -10.20 8.86
CA THR A 36 -4.54 -11.01 10.09
C THR A 36 -5.91 -10.94 10.72
N GLY A 37 -6.70 -9.94 10.37
CA GLY A 37 -8.00 -9.83 11.02
C GLY A 37 -8.69 -8.53 10.76
N HIS A 38 -9.67 -8.23 11.61
CA HIS A 38 -10.46 -7.00 11.48
C HIS A 38 -10.71 -6.40 12.85
N ASP A 39 -10.93 -5.10 12.88
CA ASP A 39 -11.16 -4.35 14.12
C ASP A 39 -12.24 -3.33 13.74
N GLY A 40 -13.49 -3.67 14.03
CA GLY A 40 -14.55 -2.85 13.48
C GLY A 40 -14.56 -3.01 11.97
N ASP A 41 -14.65 -1.88 11.26
CA ASP A 41 -14.55 -1.92 9.80
C ASP A 41 -13.11 -1.91 9.31
N ASP A 42 -12.12 -1.69 10.19
CA ASP A 42 -10.74 -1.60 9.77
C ASP A 42 -10.14 -2.99 9.61
N VAL A 43 -9.05 -3.05 8.86
CA VAL A 43 -8.35 -4.33 8.59
C VAL A 43 -7.08 -4.40 9.44
N LEU A 44 -6.83 -5.55 10.02
CA LEU A 44 -5.59 -5.78 10.76
C LEU A 44 -4.66 -6.57 9.85
N GLY A 45 -3.39 -6.19 9.85
CA GLY A 45 -2.43 -6.91 9.01
C GLY A 45 -1.00 -6.71 9.43
N ALA A 46 -0.13 -7.41 8.72
CA ALA A 46 1.29 -7.31 9.01
C ALA A 46 2.04 -7.28 7.69
N VAL A 47 3.17 -6.58 7.66
CA VAL A 47 3.99 -6.54 6.47
C VAL A 47 5.45 -6.74 6.85
N LYS A 48 6.11 -7.67 6.19
CA LYS A 48 7.54 -7.87 6.33
C LYS A 48 8.25 -7.11 5.23
N VAL A 49 9.09 -6.15 5.63
CA VAL A 49 9.83 -5.31 4.69
C VAL A 49 11.30 -5.74 4.71
N LYS A 50 11.81 -6.10 3.54
CA LYS A 50 13.19 -6.57 3.41
C LYS A 50 13.95 -5.63 2.48
N VAL A 51 15.01 -5.01 2.99
CA VAL A 51 15.90 -4.17 2.19
C VAL A 51 17.30 -4.71 2.37
N GLY A 52 17.80 -5.46 1.38
CA GLY A 52 19.02 -6.19 1.57
C GLY A 52 18.87 -7.15 2.74
N PRO A 53 19.87 -7.21 3.62
CA PRO A 53 19.79 -8.12 4.76
C PRO A 53 19.03 -7.57 5.95
N VAL A 54 18.47 -6.36 5.83
CA VAL A 54 17.67 -5.76 6.90
C VAL A 54 16.22 -6.14 6.70
N THR A 55 15.61 -6.72 7.73
CA THR A 55 14.20 -7.07 7.71
C THR A 55 13.50 -6.45 8.90
N SER A 56 12.38 -5.77 8.64
CA SER A 56 11.48 -5.26 9.67
C SER A 56 10.08 -5.74 9.36
N GLU A 57 9.38 -6.24 10.36
CA GLU A 57 7.98 -6.61 10.24
C GLU A 57 7.14 -5.70 11.11
N PHE A 58 6.11 -5.12 10.51
CA PHE A 58 5.23 -4.21 11.21
C PHE A 58 3.84 -4.81 11.24
N ALA A 59 3.21 -4.82 12.42
CA ALA A 59 1.85 -5.33 12.59
C ALA A 59 0.98 -4.18 13.05
N GLY A 60 -0.19 -4.03 12.43
CA GLY A 60 -1.07 -2.97 12.85
C GLY A 60 -2.37 -2.97 12.09
N LYS A 61 -2.83 -1.79 11.69
CA LYS A 61 -4.20 -1.58 11.25
C LYS A 61 -4.20 -0.66 10.04
N VAL A 62 -5.14 -0.90 9.13
CA VAL A 62 -5.37 -0.09 7.94
C VAL A 62 -6.81 0.39 7.98
N HIS A 63 -7.00 1.69 7.75
CA HIS A 63 -8.27 2.36 8.00
C HIS A 63 -8.51 3.40 6.90
N PHE A 64 -9.72 3.45 6.35
CA PHE A 64 -10.03 4.48 5.37
C PHE A 64 -10.34 5.78 6.08
N VAL A 65 -9.55 6.82 5.78
CA VAL A 65 -9.88 8.17 6.24
C VAL A 65 -10.99 8.77 5.38
N GLU A 66 -10.93 8.54 4.07
CA GLU A 66 -11.89 9.16 3.18
C GLU A 66 -12.05 8.26 1.96
N GLN A 67 -13.29 8.16 1.48
CA GLN A 67 -13.60 7.56 0.17
C GLN A 67 -14.47 8.57 -0.55
N ASP A 68 -13.90 9.20 -1.58
CA ASP A 68 -14.58 10.22 -2.37
C ASP A 68 -14.86 9.60 -3.73
N ARG A 69 -15.97 8.89 -3.85
CA ARG A 69 -16.27 8.19 -5.12
C ARG A 69 -16.52 9.21 -6.24
N GLU A 70 -17.10 10.36 -5.90
CA GLU A 70 -17.39 11.34 -6.94
C GLU A 70 -16.10 11.82 -7.61
N HIS A 71 -14.98 11.78 -6.89
CA HIS A 71 -13.69 12.14 -7.45
C HIS A 71 -12.77 10.94 -7.63
N PHE A 72 -13.24 9.74 -7.30
CA PHE A 72 -12.44 8.52 -7.38
C PHE A 72 -11.12 8.69 -6.63
N ARG A 73 -11.20 9.22 -5.41
CA ARG A 73 -10.03 9.46 -4.59
C ARG A 73 -10.28 8.88 -3.20
N ALA A 74 -9.28 8.18 -2.68
CA ALA A 74 -9.38 7.57 -1.36
C ALA A 74 -8.13 7.89 -0.56
N VAL A 75 -8.31 8.05 0.74
CA VAL A 75 -7.20 8.29 1.65
C VAL A 75 -7.21 7.17 2.69
N ILE A 76 -6.07 6.52 2.85
CA ILE A 76 -5.91 5.36 3.72
C ILE A 76 -4.84 5.68 4.75
N ASP A 77 -5.11 5.34 6.01
N ASP A 77 -5.11 5.36 6.01
CA ASP A 77 -4.14 5.46 7.09
CA ASP A 77 -4.15 5.46 7.08
C ASP A 77 -3.72 4.06 7.52
C ASP A 77 -3.72 4.05 7.45
N ALA A 78 -2.42 3.82 7.53
CA ALA A 78 -1.86 2.53 7.90
C ALA A 78 -0.80 2.78 8.96
N LYS A 79 -0.85 2.00 10.03
CA LYS A 79 0.13 2.13 11.11
C LYS A 79 0.48 0.74 11.57
N GLY A 80 1.75 0.54 11.89
CA GLY A 80 2.21 -0.75 12.38
C GLY A 80 3.38 -0.58 13.29
N LYS A 81 3.47 -1.47 14.27
CA LYS A 81 4.54 -1.50 15.25
C LYS A 81 5.45 -2.67 14.92
N GLU A 82 6.76 -2.42 15.01
CA GLU A 82 7.73 -3.47 14.70
C GLU A 82 7.52 -4.64 15.65
N THR A 83 7.60 -5.86 15.10
CA THR A 83 7.29 -7.02 15.92
C THR A 83 8.46 -7.47 16.78
N ARG A 84 9.68 -7.14 16.36
CA ARG A 84 10.88 -7.37 17.16
C ARG A 84 11.56 -6.03 17.40
N GLY A 85 11.83 -5.73 18.67
CA GLY A 85 12.53 -4.51 19.01
C GLY A 85 11.61 -3.30 19.07
N THR A 86 12.18 -2.13 18.82
CA THR A 86 11.47 -0.87 18.89
C THR A 86 11.48 -0.23 17.52
N GLY A 87 10.30 -0.01 16.97
CA GLY A 87 10.17 0.70 15.72
C GLY A 87 8.73 0.74 15.31
N ASN A 88 8.42 1.58 14.34
CA ASN A 88 7.05 1.68 13.89
C ASN A 88 7.06 2.39 12.55
N ALA A 89 5.97 2.23 11.82
CA ALA A 89 5.80 2.92 10.56
C ALA A 89 4.38 3.40 10.48
N ALA A 90 4.20 4.53 9.82
CA ALA A 90 2.87 5.11 9.62
C ALA A 90 2.84 5.73 8.25
N ALA A 91 1.75 5.49 7.54
CA ALA A 91 1.61 6.02 6.18
C ALA A 91 0.22 6.60 6.02
N THR A 92 0.16 7.76 5.39
CA THR A 92 -1.10 8.27 4.87
C THR A 92 -1.00 8.17 3.36
N VAL A 93 -1.85 7.34 2.76
CA VAL A 93 -1.77 7.01 1.35
C VAL A 93 -2.97 7.63 0.65
N THR A 94 -2.72 8.47 -0.34
CA THR A 94 -3.78 9.08 -1.13
C THR A 94 -3.74 8.48 -2.52
N ALA A 95 -4.82 7.80 -2.91
CA ALA A 95 -4.90 7.14 -4.21
C ALA A 95 -5.93 7.84 -5.07
N GLN A 96 -5.54 8.16 -6.31
CA GLN A 96 -6.42 8.86 -7.24
C GLN A 96 -6.52 8.04 -8.52
N LEU A 97 -7.75 7.77 -8.95
CA LEU A 97 -8.00 6.98 -10.15
C LEU A 97 -8.31 7.89 -11.32
N HIS A 98 -7.83 7.51 -12.51
CA HIS A 98 -8.06 8.27 -13.72
C HIS A 98 -8.52 7.36 -14.84
N GLU A 99 -9.49 7.83 -15.61
CA GLU A 99 -9.99 7.09 -16.77
C GLU A 99 -8.86 6.84 -17.77
N ALA A 100 -8.76 5.60 -18.25
CA ALA A 100 -7.87 5.22 -19.33
C ALA A 100 -8.57 4.23 -20.25
N GLY A 101 -9.85 4.46 -20.50
CA GLY A 101 -10.64 3.64 -21.41
C GLY A 101 -10.94 2.24 -20.88
N THR A 102 -10.26 1.24 -21.44
CA THR A 102 -10.39 -0.12 -20.96
C THR A 102 -9.58 -0.38 -19.70
N SER A 103 -8.70 0.56 -19.33
CA SER A 103 -7.85 0.44 -18.16
C SER A 103 -8.06 1.66 -17.27
N THR A 104 -7.37 1.67 -16.13
CA THR A 104 -7.46 2.75 -15.18
C THR A 104 -6.05 3.09 -14.71
N ARG A 105 -5.72 4.38 -14.72
CA ARG A 105 -4.43 4.86 -14.21
C ARG A 105 -4.59 5.27 -12.74
N VAL A 106 -3.66 4.83 -11.90
CA VAL A 106 -3.73 5.06 -10.47
C VAL A 106 -2.48 5.81 -10.03
N THR A 107 -2.67 6.97 -9.41
CA THR A 107 -1.57 7.68 -8.79
C THR A 107 -1.67 7.50 -7.28
N VAL A 108 -0.54 7.23 -6.63
CA VAL A 108 -0.48 6.93 -5.22
C VAL A 108 0.56 7.85 -4.60
N ASP A 109 0.13 8.73 -3.70
CA ASP A 109 1.05 9.62 -3.01
C ASP A 109 1.00 9.31 -1.52
N THR A 110 2.15 9.00 -0.94
CA THR A 110 2.23 8.53 0.43
C THR A 110 3.08 9.46 1.27
N ASP A 111 2.59 9.80 2.46
CA ASP A 111 3.37 10.48 3.47
C ASP A 111 3.76 9.39 4.46
N LEU A 112 5.04 9.05 4.50
CA LEU A 112 5.54 7.90 5.25
C LEU A 112 6.48 8.35 6.35
N LYS A 113 6.25 7.84 7.56
CA LYS A 113 7.14 8.04 8.70
C LYS A 113 7.60 6.68 9.19
N VAL A 114 8.90 6.51 9.32
CA VAL A 114 9.47 5.27 9.81
C VAL A 114 10.37 5.58 10.98
N VAL A 115 10.28 4.77 12.03
CA VAL A 115 11.12 4.91 13.21
C VAL A 115 11.77 3.57 13.45
N GLY A 116 13.05 3.59 13.78
CA GLY A 116 13.79 2.38 14.06
C GLY A 116 14.69 2.00 12.91
N LYS A 117 15.01 0.70 12.87
CA LYS A 117 16.02 0.18 11.96
C LYS A 117 15.79 0.60 10.49
N LEU A 118 14.54 0.58 10.03
N LEU A 118 14.54 0.58 10.04
CA LEU A 118 14.31 0.91 8.63
CA LEU A 118 14.24 0.91 8.64
C LEU A 118 14.51 2.38 8.32
C LEU A 118 14.48 2.38 8.32
N ALA A 119 14.59 3.24 9.34
CA ALA A 119 14.87 4.65 9.11
C ALA A 119 16.26 4.92 8.58
N GLN A 120 17.12 3.90 8.53
CA GLN A 120 18.43 4.11 7.93
C GLN A 120 18.36 4.30 6.43
N PHE A 121 17.20 4.02 5.82
CA PHE A 121 17.02 4.17 4.39
C PHE A 121 16.30 5.49 4.14
N GLY A 122 16.94 6.39 3.38
CA GLY A 122 16.35 7.68 3.08
C GLY A 122 15.26 7.60 2.03
N SER A 123 14.74 8.78 1.68
CA SER A 123 13.62 8.84 0.75
C SER A 123 13.99 8.40 -0.65
N GLY A 124 15.23 8.64 -1.09
CA GLY A 124 15.62 8.14 -2.39
C GLY A 124 15.60 6.63 -2.43
N MET A 125 16.20 6.02 -1.40
N MET A 125 16.19 6.01 -1.41
CA MET A 125 16.22 4.57 -1.25
CA MET A 125 16.19 4.57 -1.33
C MET A 125 14.81 4.00 -1.12
C MET A 125 14.76 4.03 -1.20
N LEU A 126 13.96 4.62 -0.30
CA LEU A 126 12.63 4.06 -0.07
C LEU A 126 11.71 4.30 -1.27
N GLN A 127 11.94 5.39 -2.02
CA GLN A 127 11.21 5.55 -3.28
C GLN A 127 11.53 4.41 -4.24
N GLN A 128 12.82 4.04 -4.34
CA GLN A 128 13.20 2.92 -5.19
C GLN A 128 12.62 1.60 -4.68
N VAL A 129 12.62 1.40 -3.35
CA VAL A 129 11.98 0.20 -2.78
C VAL A 129 10.50 0.16 -3.15
N SER A 130 9.82 1.30 -3.00
CA SER A 130 8.39 1.37 -3.26
C SER A 130 8.08 1.00 -4.71
N GLU A 131 8.91 1.41 -5.66
CA GLU A 131 8.68 1.08 -7.05
C GLU A 131 8.79 -0.42 -7.29
N LYS A 132 9.80 -1.06 -6.68
CA LYS A 132 9.94 -2.51 -6.78
C LYS A 132 8.75 -3.24 -6.18
N LEU A 133 8.32 -2.83 -4.99
CA LEU A 133 7.21 -3.50 -4.32
C LEU A 133 5.90 -3.26 -5.07
N LEU A 134 5.71 -2.05 -5.61
N LEU A 134 5.69 -2.06 -5.61
CA LEU A 134 4.50 -1.76 -6.37
CA LEU A 134 4.46 -1.81 -6.35
C LEU A 134 4.44 -2.59 -7.65
C LEU A 134 4.43 -2.61 -7.66
N GLY A 135 5.59 -2.82 -8.28
CA GLY A 135 5.64 -3.69 -9.44
C GLY A 135 5.14 -5.09 -9.13
N GLN A 136 5.52 -5.63 -7.98
CA GLN A 136 5.02 -6.95 -7.55
C GLN A 136 3.51 -6.88 -7.24
N PHE A 137 3.05 -5.81 -6.57
CA PHE A 137 1.62 -5.70 -6.31
C PHE A 137 0.83 -5.73 -7.62
N VAL A 138 1.28 -4.96 -8.62
CA VAL A 138 0.57 -4.93 -9.90
C VAL A 138 0.59 -6.31 -10.56
N ASP A 139 1.75 -6.97 -10.54
CA ASP A 139 1.86 -8.32 -11.08
C ASP A 139 0.86 -9.26 -10.41
N SER A 140 0.78 -9.22 -9.08
CA SER A 140 -0.14 -10.10 -8.36
C SER A 140 -1.59 -9.75 -8.67
N LEU A 141 -1.86 -8.45 -8.81
CA LEU A 141 -3.23 -8.01 -9.08
C LEU A 141 -3.67 -8.39 -10.49
N GLU A 142 -2.77 -8.24 -11.47
CA GLU A 142 -3.14 -8.68 -12.82
C GLU A 142 -3.27 -10.19 -12.89
N ALA A 143 -2.47 -10.94 -12.12
CA ALA A 143 -2.61 -12.38 -12.09
C ALA A 143 -3.96 -12.79 -11.54
N LYS A 144 -4.44 -12.08 -10.51
CA LYS A 144 -5.75 -12.36 -9.92
C LYS A 144 -6.86 -12.07 -10.92
N LEU A 145 -6.82 -10.90 -11.56
CA LEU A 145 -7.89 -10.52 -12.48
C LEU A 145 -7.98 -11.50 -13.65
N ALA A 146 -6.85 -12.13 -14.02
CA ALA A 146 -6.87 -13.11 -15.10
C ALA A 146 -7.60 -14.39 -14.68
N GLY A 147 -7.55 -14.72 -13.39
CA GLY A 147 -8.23 -15.90 -12.89
C GLY A 147 -9.64 -15.63 -12.40
#